data_5G6K
#
_entry.id   5G6K
#
_cell.length_a   80.590
_cell.length_b   95.060
_cell.length_c   62.220
_cell.angle_alpha   90.00
_cell.angle_beta   90.00
_cell.angle_gamma   90.00
#
_symmetry.space_group_name_H-M   'P 21 21 2'
#
loop_
_entity.id
_entity.type
_entity.pdbx_description
1 polymer 'NITRIC OXIDE SYNTHASE OXYGENASE'
2 non-polymer 'PROTOPORPHYRIN IX CONTAINING FE'
3 non-polymer 5,6,7,8-TETRAHYDROBIOPTERIN
4 non-polymer 'CHLORIDE ION'
5 non-polymer 7-[[3-[2-(methylamino)ethyl]phenoxy]methyl]quinolin-2-amine
6 non-polymer GLYCEROL
7 water water
#
_entity_poly.entity_id   1
_entity_poly.type   'polypeptide(L)'
_entity_poly.pdbx_seq_one_letter_code
;MEEKEILWNEAKAFIAACYQELGKAAEVKDRLADIKSEIDLTGSYVHTKEELEHGAKMAWRNSNRCIGRLFWNSLNVIDR
RDVRTKEEVRDALFHHIETATNNGKIRPTITIFPPEEKGEKQVEIWNHQLIRYAGYESDGERIGDPASCSLTAACEELGW
RGERTDFDLLPLIFRMKGDEQPVWYELPRSLVIEVPITHPDIEAFSDLELKWYGVPIVSDMKLEVGGIHYNAAPFNGWYM
GTEIGARNLADEKRYDKLKKVASVIGIAADYNTDLWKDQALVELNKAVLHSYKKQGVSIVDHHTAASQFKRFEEQAEEAG
RKLTGDWTWLIPPISPAATHIFHRSYDNSIVKPNYFYQDKPYE
;
_entity_poly.pdbx_strand_id   A
#
# COMPACT_ATOMS: atom_id res chain seq x y z
N GLU A 2 -27.85 19.31 2.50
CA GLU A 2 -28.28 18.16 1.71
C GLU A 2 -27.43 16.98 2.05
N GLU A 3 -26.12 17.15 1.82
CA GLU A 3 -25.09 16.11 2.01
C GLU A 3 -24.80 15.79 3.49
N LYS A 4 -25.36 16.59 4.40
CA LYS A 4 -25.38 16.23 5.81
C LYS A 4 -26.16 14.92 5.96
N GLU A 5 -26.96 14.62 4.94
CA GLU A 5 -27.70 13.35 4.88
C GLU A 5 -26.74 12.23 4.66
N ILE A 6 -25.98 12.30 3.56
CA ILE A 6 -25.00 11.27 3.26
C ILE A 6 -24.09 11.07 4.46
N LEU A 7 -23.63 12.16 5.08
CA LEU A 7 -22.70 12.03 6.20
C LEU A 7 -23.37 11.27 7.36
N TRP A 8 -24.60 11.65 7.66
CA TRP A 8 -25.31 11.08 8.80
C TRP A 8 -25.56 9.57 8.70
N ASN A 9 -25.83 9.07 7.50
CA ASN A 9 -26.15 7.65 7.33
C ASN A 9 -24.92 6.82 7.40
N GLU A 10 -23.87 7.29 6.73
CA GLU A 10 -22.60 6.59 6.77
C GLU A 10 -22.13 6.57 8.22
N ALA A 11 -22.43 7.65 8.94
CA ALA A 11 -22.03 7.78 10.35
C ALA A 11 -22.82 6.80 11.24
N LYS A 12 -24.14 6.80 11.06
CA LYS A 12 -24.99 5.83 11.74
C LYS A 12 -24.50 4.40 11.51
N ALA A 13 -24.28 4.05 10.25
CA ALA A 13 -23.97 2.66 9.92
C ALA A 13 -22.67 2.23 10.60
N PHE A 14 -21.70 3.14 10.55
CA PHE A 14 -20.36 2.88 11.07
C PHE A 14 -20.32 2.80 12.61
N ILE A 15 -20.92 3.78 13.30
CA ILE A 15 -20.88 3.78 14.75
C ILE A 15 -21.56 2.54 15.33
N ALA A 16 -22.71 2.17 14.77
CA ALA A 16 -23.41 0.94 15.17
C ALA A 16 -22.47 -0.26 15.13
N ALA A 17 -21.90 -0.48 13.94
CA ALA A 17 -21.05 -1.63 13.73
C ALA A 17 -19.82 -1.57 14.61
N CYS A 18 -19.21 -0.39 14.68
CA CYS A 18 -17.95 -0.22 15.39
C CYS A 18 -18.10 -0.46 16.92
N TYR A 19 -19.01 0.29 17.55
CA TYR A 19 -19.30 0.09 18.95
C TYR A 19 -19.73 -1.34 19.25
N GLN A 20 -20.40 -1.98 18.28
CA GLN A 20 -20.87 -3.37 18.41
C GLN A 20 -19.67 -4.26 18.55
N GLU A 21 -18.77 -4.14 17.59
CA GLU A 21 -17.54 -4.90 17.56
C GLU A 21 -16.70 -4.58 18.80
N LEU A 22 -16.84 -3.37 19.36
CA LEU A 22 -16.01 -2.97 20.50
C LEU A 22 -16.58 -3.43 21.85
N GLY A 23 -17.75 -4.07 21.83
CA GLY A 23 -18.45 -4.41 23.06
C GLY A 23 -19.12 -3.20 23.71
N LYS A 24 -19.27 -2.11 22.95
CA LYS A 24 -19.78 -0.85 23.50
C LYS A 24 -21.18 -0.46 22.97
N ALA A 25 -22.01 -1.46 22.71
CA ALA A 25 -23.31 -1.24 22.09
C ALA A 25 -24.23 -0.26 22.83
N ALA A 26 -24.15 -0.24 24.15
CA ALA A 26 -25.00 0.63 24.97
C ALA A 26 -24.67 2.12 24.74
N GLU A 27 -23.41 2.38 24.41
CA GLU A 27 -22.92 3.74 24.29
C GLU A 27 -23.27 4.35 22.93
N VAL A 28 -23.91 3.56 22.08
CA VAL A 28 -24.24 3.98 20.72
C VAL A 28 -25.29 5.09 20.71
N LYS A 29 -26.42 4.84 21.36
CA LYS A 29 -27.55 5.78 21.33
C LYS A 29 -27.08 7.20 21.63
N ASP A 30 -26.24 7.32 22.67
CA ASP A 30 -25.64 8.58 23.10
C ASP A 30 -24.59 9.15 22.15
N ARG A 31 -23.71 8.28 21.64
CA ARG A 31 -22.66 8.71 20.70
C ARG A 31 -23.32 9.24 19.40
N LEU A 32 -24.37 8.55 18.94
CA LEU A 32 -25.11 8.98 17.77
C LEU A 32 -25.81 10.33 18.01
N ALA A 33 -26.33 10.52 19.22
CA ALA A 33 -26.93 11.78 19.64
C ALA A 33 -25.97 12.91 19.35
N ASP A 34 -24.83 12.89 20.04
CA ASP A 34 -23.80 13.92 19.92
C ASP A 34 -23.38 14.20 18.46
N ILE A 35 -23.12 13.11 17.72
CA ILE A 35 -22.84 13.21 16.28
C ILE A 35 -23.96 13.92 15.54
N LYS A 36 -25.20 13.46 15.75
CA LYS A 36 -26.38 14.07 15.12
C LYS A 36 -26.39 15.59 15.30
N SER A 37 -26.01 16.04 16.51
CA SER A 37 -25.91 17.48 16.81
C SER A 37 -24.75 18.14 16.08
N GLU A 38 -23.57 17.52 16.18
CA GLU A 38 -22.35 18.10 15.65
C GLU A 38 -22.50 18.28 14.13
N ILE A 39 -23.14 17.32 13.46
CA ILE A 39 -23.41 17.39 12.01
C ILE A 39 -24.34 18.56 11.65
N ASP A 40 -25.44 18.67 12.38
CA ASP A 40 -26.39 19.77 12.18
C ASP A 40 -25.73 21.13 12.35
N LEU A 41 -24.98 21.28 13.44
CA LEU A 41 -24.34 22.55 13.77
C LEU A 41 -23.14 22.86 12.89
N THR A 42 -22.33 21.86 12.59
CA THR A 42 -21.05 22.13 11.92
C THR A 42 -20.97 21.66 10.48
N GLY A 43 -21.79 20.70 10.10
CA GLY A 43 -21.68 20.08 8.79
C GLY A 43 -20.81 18.83 8.80
N SER A 44 -20.06 18.64 9.88
CA SER A 44 -19.21 17.46 9.99
C SER A 44 -19.14 16.93 11.43
N TYR A 45 -18.30 15.92 11.65
CA TYR A 45 -18.06 15.38 13.00
C TYR A 45 -16.63 14.85 13.13
N VAL A 46 -16.23 14.59 14.36
CA VAL A 46 -14.84 14.22 14.62
C VAL A 46 -14.84 12.85 15.30
N HIS A 47 -14.01 11.95 14.78
CA HIS A 47 -13.87 10.62 15.33
C HIS A 47 -12.99 10.66 16.57
N THR A 48 -13.39 9.94 17.61
CA THR A 48 -12.50 9.68 18.74
C THR A 48 -11.34 8.82 18.24
N LYS A 49 -10.24 8.81 19.00
CA LYS A 49 -9.06 8.03 18.62
C LYS A 49 -9.48 6.57 18.48
N GLU A 50 -10.31 6.10 19.42
CA GLU A 50 -10.80 4.72 19.37
C GLU A 50 -11.58 4.39 18.07
N GLU A 51 -12.50 5.28 17.69
CA GLU A 51 -13.29 5.09 16.49
C GLU A 51 -12.36 5.06 15.28
N LEU A 52 -11.46 6.03 15.19
CA LEU A 52 -10.56 6.08 14.04
C LEU A 52 -9.69 4.85 13.96
N GLU A 53 -9.11 4.42 15.08
CA GLU A 53 -8.30 3.20 15.06
C GLU A 53 -9.14 2.02 14.52
N HIS A 54 -10.34 1.84 15.08
CA HIS A 54 -11.11 0.68 14.69
C HIS A 54 -11.56 0.77 13.20
N GLY A 55 -12.05 1.94 12.79
CA GLY A 55 -12.37 2.18 11.38
C GLY A 55 -11.24 1.90 10.40
N ALA A 56 -10.01 2.27 10.73
CA ALA A 56 -8.89 1.99 9.83
C ALA A 56 -8.71 0.49 9.68
N LYS A 57 -8.92 -0.20 10.80
CA LYS A 57 -8.76 -1.66 10.85
C LYS A 57 -9.89 -2.31 10.05
N MET A 58 -11.12 -1.80 10.21
CA MET A 58 -12.26 -2.31 9.43
C MET A 58 -11.99 -2.12 7.96
N ALA A 59 -11.45 -0.95 7.62
CA ALA A 59 -11.12 -0.65 6.23
C ALA A 59 -10.20 -1.70 5.61
N TRP A 60 -9.16 -2.06 6.35
CA TRP A 60 -8.24 -3.09 5.84
C TRP A 60 -9.01 -4.40 5.72
N ARG A 61 -9.86 -4.71 6.70
CA ARG A 61 -10.65 -5.95 6.65
C ARG A 61 -11.53 -6.06 5.41
N ASN A 62 -11.96 -4.91 4.90
CA ASN A 62 -12.98 -4.89 3.83
C ASN A 62 -12.37 -4.71 2.46
N SER A 63 -11.03 -4.72 2.42
CA SER A 63 -10.28 -4.57 1.16
C SER A 63 -10.27 -5.88 0.34
N ASN A 64 -11.26 -6.02 -0.53
CA ASN A 64 -11.43 -7.21 -1.37
C ASN A 64 -10.16 -7.68 -2.07
N ARG A 65 -9.32 -6.75 -2.49
CA ARG A 65 -8.14 -7.14 -3.28
C ARG A 65 -6.96 -7.58 -2.45
N CYS A 66 -7.09 -7.54 -1.11
CA CYS A 66 -5.92 -7.81 -0.24
C CYS A 66 -5.84 -9.21 0.34
N ILE A 67 -4.74 -9.91 0.01
CA ILE A 67 -4.59 -11.31 0.47
C ILE A 67 -4.10 -11.34 1.93
N GLY A 68 -3.63 -10.19 2.42
CA GLY A 68 -2.97 -10.20 3.71
C GLY A 68 -3.89 -9.83 4.84
N ARG A 69 -5.20 -9.89 4.63
CA ARG A 69 -6.12 -9.39 5.66
C ARG A 69 -6.21 -10.14 7.01
N LEU A 70 -5.52 -11.27 7.18
CA LEU A 70 -5.65 -12.03 8.44
C LEU A 70 -5.33 -11.12 9.61
N PHE A 71 -4.38 -10.22 9.38
CA PHE A 71 -3.81 -9.45 10.47
C PHE A 71 -4.41 -8.08 10.62
N TRP A 72 -5.61 -7.89 10.07
CA TRP A 72 -6.30 -6.59 10.16
C TRP A 72 -6.34 -5.99 11.57
N ASN A 73 -6.56 -6.82 12.58
CA ASN A 73 -6.77 -6.29 13.93
C ASN A 73 -5.48 -5.83 14.59
N SER A 74 -4.33 -6.11 13.99
CA SER A 74 -3.08 -5.67 14.62
C SER A 74 -2.46 -4.44 13.92
N LEU A 75 -3.20 -3.84 13.00
CA LEU A 75 -2.72 -2.65 12.30
C LEU A 75 -2.25 -1.59 13.34
N ASN A 76 -1.05 -1.03 13.17
CA ASN A 76 -0.57 0.04 14.06
C ASN A 76 -1.08 1.40 13.52
N VAL A 77 -1.96 2.07 14.28
CA VAL A 77 -2.63 3.30 13.78
C VAL A 77 -2.05 4.54 14.43
N ILE A 78 -1.48 5.43 13.62
CA ILE A 78 -0.88 6.65 14.17
C ILE A 78 -1.77 7.82 13.77
N ASP A 79 -2.36 8.45 14.79
CA ASP A 79 -3.33 9.51 14.57
C ASP A 79 -2.64 10.88 14.45
N ARG A 80 -2.41 11.36 13.21
CA ARG A 80 -1.73 12.66 13.02
C ARG A 80 -2.64 13.77 12.50
N ARG A 81 -3.87 13.81 13.02
CA ARG A 81 -4.87 14.81 12.65
C ARG A 81 -4.52 16.19 13.18
N ASP A 82 -3.50 16.23 14.02
CA ASP A 82 -3.02 17.48 14.58
C ASP A 82 -2.06 18.26 13.66
N VAL A 83 -1.59 17.68 12.55
CA VAL A 83 -0.57 18.42 11.78
C VAL A 83 -1.17 19.63 11.13
N ARG A 84 -0.40 20.72 11.09
CA ARG A 84 -0.81 21.96 10.45
C ARG A 84 0.22 22.48 9.44
N THR A 85 1.48 22.08 9.59
CA THR A 85 2.58 22.63 8.77
C THR A 85 3.24 21.58 7.88
N LYS A 86 3.96 22.05 6.86
CA LYS A 86 4.54 21.12 5.90
C LYS A 86 5.75 20.38 6.56
N GLU A 87 6.42 21.07 7.50
CA GLU A 87 7.49 20.44 8.29
C GLU A 87 6.91 19.30 9.15
N GLU A 88 5.71 19.49 9.70
CA GLU A 88 5.06 18.42 10.48
C GLU A 88 4.67 17.24 9.58
N VAL A 89 4.15 17.54 8.39
CA VAL A 89 3.76 16.47 7.49
C VAL A 89 4.99 15.68 7.11
N ARG A 90 6.05 16.40 6.74
CA ARG A 90 7.31 15.76 6.32
C ARG A 90 7.79 14.87 7.44
N ASP A 91 7.77 15.42 8.64
CA ASP A 91 8.33 14.70 9.77
C ASP A 91 7.47 13.51 10.14
N ALA A 92 6.16 13.62 9.95
CA ALA A 92 5.27 12.46 10.16
C ALA A 92 5.53 11.35 9.15
N LEU A 93 5.73 11.74 7.90
CA LEU A 93 6.01 10.77 6.84
C LEU A 93 7.36 10.05 7.12
N PHE A 94 8.37 10.82 7.45
CA PHE A 94 9.67 10.30 7.84
C PHE A 94 9.49 9.33 9.01
N HIS A 95 8.73 9.72 10.03
CA HIS A 95 8.58 8.83 11.20
C HIS A 95 7.86 7.54 10.81
N HIS A 96 6.83 7.65 9.98
CA HIS A 96 6.10 6.45 9.54
C HIS A 96 7.08 5.44 8.93
N ILE A 97 7.93 5.94 8.03
CA ILE A 97 8.91 5.08 7.39
C ILE A 97 9.77 4.37 8.46
N GLU A 98 10.26 5.13 9.42
CA GLU A 98 11.17 4.58 10.44
C GLU A 98 10.44 3.54 11.31
N THR A 99 9.26 3.87 11.80
CA THR A 99 8.58 2.98 12.73
C THR A 99 8.03 1.72 12.02
N ALA A 100 7.57 1.87 10.78
CA ALA A 100 7.04 0.73 10.07
C ALA A 100 8.15 -0.22 9.68
N THR A 101 9.32 0.35 9.32
CA THR A 101 10.50 -0.43 8.92
C THR A 101 11.02 -1.26 10.12
N ASN A 102 11.15 -0.60 11.28
CA ASN A 102 11.52 -1.29 12.52
C ASN A 102 12.75 -2.19 12.32
N ASN A 103 13.79 -1.65 11.68
CA ASN A 103 15.02 -2.41 11.45
C ASN A 103 14.82 -3.70 10.67
N GLY A 104 13.79 -3.78 9.84
CA GLY A 104 13.50 -4.99 9.06
C GLY A 104 12.27 -5.76 9.57
N LYS A 105 11.98 -5.69 10.87
CA LYS A 105 10.83 -6.45 11.39
C LYS A 105 9.59 -5.59 11.19
N ILE A 106 9.11 -5.56 9.95
CA ILE A 106 8.12 -4.56 9.46
C ILE A 106 6.86 -4.63 10.30
N ARG A 107 6.38 -3.47 10.79
CA ARG A 107 5.08 -3.32 11.49
C ARG A 107 4.08 -2.75 10.52
N PRO A 108 2.95 -3.47 10.24
CA PRO A 108 1.86 -2.87 9.43
C PRO A 108 1.37 -1.62 10.16
N THR A 109 1.45 -0.45 9.52
CA THR A 109 1.24 0.84 10.14
C THR A 109 0.44 1.72 9.17
N ILE A 110 -0.38 2.63 9.70
CA ILE A 110 -0.99 3.64 8.85
C ILE A 110 -0.84 4.94 9.63
N THR A 111 -0.43 5.99 8.94
CA THR A 111 -0.44 7.33 9.58
C THR A 111 -1.66 8.08 9.00
N ILE A 112 -2.49 8.64 9.88
CA ILE A 112 -3.71 9.33 9.43
C ILE A 112 -3.72 10.86 9.58
N PHE A 113 -3.74 11.56 8.44
CA PHE A 113 -3.62 13.02 8.44
C PHE A 113 -5.02 13.66 8.53
N PRO A 114 -5.13 15.01 8.75
CA PRO A 114 -6.46 15.63 8.80
C PRO A 114 -7.32 15.27 7.58
N PRO A 115 -8.66 15.05 7.77
CA PRO A 115 -9.50 14.59 6.64
C PRO A 115 -9.92 15.76 5.76
N GLU A 116 -10.60 15.52 4.63
CA GLU A 116 -11.12 16.62 3.82
C GLU A 116 -12.20 17.31 4.63
N GLU A 117 -12.33 18.62 4.43
CA GLU A 117 -13.32 19.43 5.14
C GLU A 117 -14.62 19.49 4.35
N LYS A 118 -14.66 20.37 3.36
CA LYS A 118 -15.84 20.46 2.50
C LYS A 118 -15.73 19.55 1.27
N GLY A 119 -14.78 18.62 1.30
CA GLY A 119 -14.27 18.01 0.08
C GLY A 119 -12.94 18.71 -0.21
N GLU A 120 -12.63 19.71 0.61
CA GLU A 120 -11.35 20.43 0.57
C GLU A 120 -10.25 19.69 1.35
N LYS A 121 -9.24 19.23 0.61
CA LYS A 121 -8.12 18.51 1.19
C LYS A 121 -7.24 19.43 2.05
N GLN A 122 -6.74 18.91 3.17
CA GLN A 122 -5.88 19.71 4.02
C GLN A 122 -4.43 19.42 3.59
N VAL A 123 -4.21 18.20 3.14
CA VAL A 123 -2.90 17.72 2.75
C VAL A 123 -3.16 16.79 1.57
N GLU A 124 -2.35 16.92 0.53
CA GLU A 124 -2.51 16.07 -0.64
C GLU A 124 -1.16 15.46 -0.98
N ILE A 125 -1.02 14.16 -0.74
CA ILE A 125 0.22 13.47 -1.05
C ILE A 125 0.27 13.03 -2.54
N TRP A 126 1.29 13.50 -3.25
CA TRP A 126 1.49 13.10 -4.64
C TRP A 126 2.17 11.75 -4.85
N ASN A 127 2.97 11.28 -3.89
CA ASN A 127 3.57 9.95 -4.06
C ASN A 127 2.58 8.80 -4.15
N HIS A 128 2.90 7.79 -4.97
CA HIS A 128 2.11 6.56 -5.00
C HIS A 128 2.52 5.64 -3.83
N GLN A 129 3.82 5.53 -3.58
CA GLN A 129 4.32 5.00 -2.31
C GLN A 129 5.39 5.94 -1.77
N LEU A 130 5.53 6.03 -0.45
CA LEU A 130 6.52 6.94 0.13
C LEU A 130 7.95 6.59 -0.37
N ILE A 131 8.24 5.31 -0.54
CA ILE A 131 9.51 4.90 -1.12
C ILE A 131 9.21 4.27 -2.48
N ARG A 132 9.70 4.91 -3.55
CA ARG A 132 9.46 4.44 -4.92
C ARG A 132 10.64 4.91 -5.80
N TYR A 133 10.96 4.16 -6.89
CA TYR A 133 12.09 4.53 -7.76
C TYR A 133 11.64 5.43 -8.92
N ALA A 134 12.48 6.38 -9.33
CA ALA A 134 12.11 7.30 -10.40
C ALA A 134 12.21 6.59 -11.73
N GLY A 135 11.66 7.18 -12.77
CA GLY A 135 11.64 6.56 -14.08
C GLY A 135 11.79 7.59 -15.17
N TYR A 136 12.59 7.28 -16.19
CA TYR A 136 12.84 8.23 -17.25
C TYR A 136 12.71 7.59 -18.61
N GLU A 137 12.29 8.39 -19.60
CA GLU A 137 12.16 7.96 -20.97
C GLU A 137 12.40 9.20 -21.83
N SER A 138 13.48 9.17 -22.60
CA SER A 138 13.70 10.20 -23.60
C SER A 138 14.71 9.66 -24.59
N ASP A 139 14.54 10.00 -25.86
CA ASP A 139 15.48 9.56 -26.89
C ASP A 139 15.74 8.04 -26.86
N GLY A 140 14.67 7.25 -26.81
CA GLY A 140 14.77 5.80 -26.82
C GLY A 140 15.42 5.23 -25.58
N GLU A 141 15.90 6.15 -24.72
CA GLU A 141 16.57 5.81 -23.47
C GLU A 141 15.54 5.62 -22.34
N ARG A 142 15.54 4.41 -21.78
CA ARG A 142 14.64 4.04 -20.71
C ARG A 142 15.44 3.75 -19.44
N ILE A 143 15.19 4.52 -18.38
CA ILE A 143 15.94 4.34 -17.15
C ILE A 143 14.96 4.25 -16.00
N GLY A 144 15.16 3.30 -15.11
CA GLY A 144 14.42 3.26 -13.86
C GLY A 144 13.08 2.58 -14.08
N ASP A 145 12.10 2.97 -13.28
CA ASP A 145 10.80 2.29 -13.27
C ASP A 145 9.80 3.08 -14.15
N PRO A 146 9.42 2.51 -15.31
CA PRO A 146 8.46 3.25 -16.17
C PRO A 146 7.16 3.67 -15.45
N ALA A 147 6.74 2.90 -14.47
CA ALA A 147 5.52 3.27 -13.74
C ALA A 147 5.66 4.64 -13.10
N SER A 148 6.89 5.09 -12.87
CA SER A 148 7.11 6.38 -12.20
C SER A 148 7.34 7.56 -13.12
N CYS A 149 7.24 7.36 -14.44
CA CYS A 149 7.64 8.40 -15.41
C CYS A 149 6.94 9.71 -15.22
N SER A 150 5.62 9.66 -15.01
CA SER A 150 4.88 10.92 -14.96
C SER A 150 5.11 11.69 -13.66
N LEU A 151 5.22 10.98 -12.53
CA LEU A 151 5.48 11.66 -11.24
C LEU A 151 6.93 12.17 -11.26
N THR A 152 7.85 11.36 -11.81
CA THR A 152 9.26 11.76 -11.93
C THR A 152 9.37 13.05 -12.76
N ALA A 153 8.64 13.16 -13.86
CA ALA A 153 8.69 14.39 -14.66
C ALA A 153 8.07 15.55 -13.87
N ALA A 154 7.07 15.25 -13.04
CA ALA A 154 6.42 16.28 -12.23
C ALA A 154 7.41 16.81 -11.21
N CYS A 155 8.12 15.92 -10.53
CA CYS A 155 9.16 16.37 -9.59
C CYS A 155 10.22 17.22 -10.28
N GLU A 156 10.69 16.80 -11.46
CA GLU A 156 11.81 17.53 -12.09
C GLU A 156 11.38 18.90 -12.59
N GLU A 157 10.08 19.12 -12.75
CA GLU A 157 9.55 20.48 -13.01
C GLU A 157 9.83 21.34 -11.81
N LEU A 158 9.62 20.76 -10.63
CA LEU A 158 9.67 21.51 -9.37
C LEU A 158 11.07 21.73 -8.81
N GLY A 159 12.09 21.48 -9.65
CA GLY A 159 13.47 21.75 -9.27
C GLY A 159 14.26 20.56 -8.75
N TRP A 160 13.60 19.43 -8.51
CA TRP A 160 14.30 18.17 -8.20
C TRP A 160 15.02 17.69 -9.47
N ARG A 161 16.09 16.90 -9.28
CA ARG A 161 16.86 16.31 -10.38
C ARG A 161 17.33 14.93 -9.92
N GLY A 162 16.99 13.89 -10.68
CA GLY A 162 17.37 12.55 -10.29
C GLY A 162 18.73 12.26 -10.90
N GLU A 163 19.49 11.39 -10.24
CA GLU A 163 20.82 10.99 -10.74
C GLU A 163 20.73 10.09 -12.00
N ARG A 164 19.53 9.60 -12.31
CA ARG A 164 19.30 8.71 -13.46
C ARG A 164 20.03 7.39 -13.42
N THR A 165 20.07 6.80 -12.22
CA THR A 165 20.36 5.39 -12.05
C THR A 165 19.02 4.71 -12.26
N ASP A 166 19.01 3.39 -12.25
CA ASP A 166 17.75 2.72 -12.39
C ASP A 166 17.01 2.66 -11.08
N PHE A 167 17.61 3.20 -10.01
CA PHE A 167 17.02 3.11 -8.65
C PHE A 167 17.15 4.42 -7.91
N ASP A 168 16.91 5.55 -8.57
CA ASP A 168 16.83 6.86 -7.89
C ASP A 168 15.62 6.84 -6.95
N LEU A 169 15.80 7.20 -5.68
CA LEU A 169 14.66 7.31 -4.77
C LEU A 169 13.95 8.62 -5.08
N LEU A 170 12.64 8.59 -5.31
CA LEU A 170 11.90 9.84 -5.58
C LEU A 170 11.77 10.62 -4.28
N PRO A 171 11.67 11.95 -4.37
CA PRO A 171 11.57 12.66 -3.10
C PRO A 171 10.15 12.50 -2.56
N LEU A 172 9.90 12.73 -1.27
CA LEU A 172 8.51 12.86 -0.80
C LEU A 172 7.98 14.12 -1.46
N ILE A 173 6.73 14.08 -1.92
CA ILE A 173 6.15 15.30 -2.49
C ILE A 173 4.67 15.37 -2.18
N PHE A 174 4.25 16.51 -1.64
CA PHE A 174 2.89 16.68 -1.15
C PHE A 174 2.53 18.16 -1.20
N ARG A 175 1.23 18.46 -1.29
CA ARG A 175 0.78 19.86 -1.28
C ARG A 175 -0.11 20.18 -0.08
N MET A 176 0.05 21.37 0.47
CA MET A 176 -0.75 21.85 1.62
C MET A 176 -1.87 22.75 1.11
N LYS A 177 -3.01 22.67 1.80
CA LYS A 177 -4.18 23.48 1.47
C LYS A 177 -3.75 24.91 1.44
N GLY A 178 -3.91 25.56 0.31
CA GLY A 178 -3.66 26.99 0.27
C GLY A 178 -2.36 27.32 -0.41
N ASP A 179 -1.53 26.31 -0.60
CA ASP A 179 -0.37 26.45 -1.45
C ASP A 179 -0.79 26.03 -2.82
N GLU A 180 -0.36 26.78 -3.83
CA GLU A 180 -0.63 26.44 -5.20
C GLU A 180 0.23 25.28 -5.71
N GLN A 181 1.43 25.15 -5.15
CA GLN A 181 2.37 24.11 -5.60
C GLN A 181 2.73 23.20 -4.43
N PRO A 182 3.10 21.92 -4.71
CA PRO A 182 3.55 21.05 -3.61
C PRO A 182 4.98 21.40 -3.23
N VAL A 183 5.47 20.80 -2.14
CA VAL A 183 6.88 20.95 -1.78
C VAL A 183 7.48 19.58 -1.92
N TRP A 184 8.78 19.48 -2.12
CA TRP A 184 9.37 18.14 -2.11
C TRP A 184 10.58 18.08 -1.18
N TYR A 185 10.78 16.92 -0.56
CA TYR A 185 11.90 16.70 0.36
C TYR A 185 12.57 15.36 0.01
N GLU A 186 13.88 15.43 -0.19
CA GLU A 186 14.69 14.26 -0.51
C GLU A 186 14.60 13.27 0.69
N LEU A 187 14.48 11.95 0.44
CA LEU A 187 14.46 10.98 1.55
C LEU A 187 15.82 10.80 2.16
N PRO A 188 15.91 10.86 3.49
CA PRO A 188 17.22 10.56 4.10
C PRO A 188 17.55 9.08 3.87
N ARG A 189 18.70 8.81 3.25
CA ARG A 189 19.01 7.43 2.89
C ARG A 189 19.12 6.53 4.12
N SER A 190 19.41 7.11 5.30
CA SER A 190 19.45 6.31 6.55
C SER A 190 18.10 5.68 6.90
N LEU A 191 16.99 6.20 6.33
CA LEU A 191 15.66 5.71 6.71
C LEU A 191 15.22 4.55 5.83
N VAL A 192 15.83 4.43 4.65
CA VAL A 192 15.29 3.54 3.63
C VAL A 192 16.12 2.27 3.59
N ILE A 193 15.54 1.14 3.99
CA ILE A 193 16.25 -0.13 3.84
C ILE A 193 16.12 -0.62 2.38
N GLU A 194 17.21 -1.09 1.80
CA GLU A 194 17.10 -1.71 0.46
C GLU A 194 17.69 -3.10 0.51
N VAL A 195 17.23 -3.98 -0.38
CA VAL A 195 17.70 -5.36 -0.35
C VAL A 195 18.33 -5.74 -1.71
N PRO A 196 19.65 -6.02 -1.71
CA PRO A 196 20.25 -6.51 -2.97
C PRO A 196 19.74 -7.91 -3.30
N ILE A 197 19.41 -8.19 -4.57
CA ILE A 197 18.83 -9.49 -4.90
C ILE A 197 19.92 -10.52 -5.23
N THR A 198 20.06 -11.55 -4.41
CA THR A 198 20.97 -12.63 -4.76
C THR A 198 20.19 -13.95 -4.81
N HIS A 199 20.77 -14.99 -5.41
CA HIS A 199 20.10 -16.28 -5.52
C HIS A 199 20.78 -17.25 -4.57
N PRO A 200 19.98 -18.12 -3.95
CA PRO A 200 20.53 -19.04 -2.94
C PRO A 200 21.63 -19.94 -3.49
N ASP A 201 21.66 -20.20 -4.79
CA ASP A 201 22.71 -21.09 -5.28
C ASP A 201 23.32 -20.81 -6.66
N ILE A 202 22.81 -19.78 -7.32
CA ILE A 202 23.35 -19.33 -8.60
C ILE A 202 24.12 -18.04 -8.33
N GLU A 203 25.43 -18.15 -8.25
CA GLU A 203 26.22 -17.03 -7.75
C GLU A 203 26.21 -15.87 -8.74
N ALA A 204 25.95 -16.21 -9.99
CA ALA A 204 26.02 -15.23 -11.06
C ALA A 204 24.83 -14.30 -10.97
N PHE A 205 23.86 -14.63 -10.13
CA PHE A 205 22.64 -13.85 -10.09
C PHE A 205 22.94 -12.40 -9.68
N SER A 206 23.94 -12.18 -8.82
CA SER A 206 24.32 -10.83 -8.40
C SER A 206 24.80 -9.94 -9.55
N ASP A 207 25.07 -10.56 -10.70
CA ASP A 207 25.54 -9.79 -11.86
C ASP A 207 24.44 -8.91 -12.38
N LEU A 208 23.18 -9.27 -12.12
CA LEU A 208 22.08 -8.47 -12.60
C LEU A 208 22.04 -7.18 -11.83
N GLU A 209 22.70 -7.16 -10.67
CA GLU A 209 22.71 -5.97 -9.80
C GLU A 209 21.29 -5.42 -9.57
N LEU A 210 20.33 -6.31 -9.28
CA LEU A 210 18.97 -5.91 -8.91
C LEU A 210 18.90 -5.58 -7.40
N LYS A 211 17.96 -4.69 -7.04
CA LYS A 211 17.65 -4.48 -5.63
C LYS A 211 16.21 -3.99 -5.55
N TRP A 212 15.65 -3.95 -4.36
CA TRP A 212 14.32 -3.35 -4.20
C TRP A 212 14.24 -2.73 -2.79
N TYR A 213 13.25 -1.89 -2.53
CA TYR A 213 13.18 -1.29 -1.21
C TYR A 213 12.43 -2.24 -0.26
N GLY A 214 12.62 -2.08 1.04
CA GLY A 214 12.09 -3.08 1.97
C GLY A 214 10.59 -2.97 2.15
N VAL A 215 10.08 -1.74 2.16
CA VAL A 215 8.73 -1.53 2.67
C VAL A 215 7.85 -0.77 1.70
N PRO A 216 6.79 -1.38 1.21
CA PRO A 216 5.86 -0.70 0.29
C PRO A 216 4.86 0.08 1.10
N ILE A 217 4.80 1.40 0.93
CA ILE A 217 3.97 2.26 1.80
C ILE A 217 3.05 3.04 0.89
N VAL A 218 1.86 2.52 0.66
CA VAL A 218 0.96 3.10 -0.34
C VAL A 218 0.35 4.41 0.18
N SER A 219 0.58 5.51 -0.53
CA SER A 219 0.28 6.80 0.06
C SER A 219 -0.68 7.62 -0.77
N ASP A 220 -1.30 7.00 -1.78
CA ASP A 220 -2.24 7.75 -2.63
C ASP A 220 -3.70 7.27 -2.58
N MET A 221 -4.06 6.39 -1.64
CA MET A 221 -5.47 6.01 -1.54
C MET A 221 -6.17 6.79 -0.46
N LYS A 222 -7.48 6.92 -0.60
CA LYS A 222 -8.32 7.56 0.42
C LYS A 222 -8.92 6.53 1.38
N LEU A 223 -8.80 6.77 2.68
CA LEU A 223 -9.49 5.97 3.69
C LEU A 223 -10.82 6.60 3.98
N GLU A 224 -11.88 5.85 3.87
CA GLU A 224 -13.20 6.39 4.20
C GLU A 224 -13.82 5.66 5.41
N VAL A 225 -14.19 6.43 6.40
CA VAL A 225 -14.69 5.87 7.64
C VAL A 225 -15.89 6.71 8.09
N GLY A 226 -17.08 6.11 8.12
CA GLY A 226 -18.29 6.78 8.56
C GLY A 226 -18.53 8.14 7.89
N GLY A 227 -18.32 8.21 6.58
CA GLY A 227 -18.60 9.43 5.83
C GLY A 227 -17.52 10.51 5.97
N ILE A 228 -16.42 10.17 6.65
CA ILE A 228 -15.30 11.10 6.75
C ILE A 228 -14.22 10.64 5.78
N HIS A 229 -13.69 11.58 5.02
CA HIS A 229 -12.78 11.25 3.93
C HIS A 229 -11.31 11.58 4.25
N TYR A 230 -10.53 10.56 4.55
CA TYR A 230 -9.13 10.75 4.91
C TYR A 230 -8.32 10.50 3.64
N ASN A 231 -8.27 11.51 2.77
CA ASN A 231 -7.57 11.37 1.50
C ASN A 231 -6.05 11.16 1.68
N ALA A 232 -5.51 11.59 2.81
CA ALA A 232 -4.08 11.46 3.06
C ALA A 232 -3.91 10.55 4.26
N ALA A 233 -3.59 9.28 4.02
CA ALA A 233 -3.57 8.31 5.11
C ALA A 233 -2.70 7.13 4.71
N PRO A 234 -1.39 7.37 4.61
CA PRO A 234 -0.57 6.29 4.00
C PRO A 234 -0.48 5.06 4.90
N PHE A 235 -0.44 3.89 4.28
CA PHE A 235 -0.37 2.64 5.08
C PHE A 235 0.65 1.68 4.48
N ASN A 236 1.07 0.70 5.29
CA ASN A 236 1.95 -0.33 4.76
C ASN A 236 1.71 -1.71 5.39
N GLY A 237 2.06 -2.76 4.65
CA GLY A 237 2.29 -4.07 5.25
C GLY A 237 3.74 -4.42 4.97
N TRP A 238 4.00 -5.72 4.83
CA TRP A 238 5.25 -6.22 4.23
C TRP A 238 4.91 -6.78 2.86
N TYR A 239 5.93 -6.99 2.04
CA TYR A 239 5.71 -7.48 0.67
C TYR A 239 5.38 -8.96 0.64
N MET A 240 4.52 -9.33 -0.32
CA MET A 240 4.48 -10.71 -0.81
C MET A 240 5.51 -10.83 -1.94
N GLY A 241 6.36 -11.85 -1.91
CA GLY A 241 7.47 -11.92 -2.86
C GLY A 241 7.07 -11.69 -4.31
N THR A 242 5.95 -12.28 -4.72
CA THR A 242 5.55 -12.15 -6.13
C THR A 242 5.33 -10.71 -6.57
N GLU A 243 5.01 -9.83 -5.63
CA GLU A 243 4.79 -8.44 -6.08
C GLU A 243 6.08 -7.90 -6.64
N ILE A 244 7.21 -8.35 -6.10
CA ILE A 244 8.50 -7.82 -6.54
C ILE A 244 9.00 -8.66 -7.71
N GLY A 245 9.04 -9.97 -7.49
CA GLY A 245 9.65 -10.91 -8.43
C GLY A 245 8.84 -11.21 -9.66
N ALA A 246 7.52 -11.02 -9.60
CA ALA A 246 6.69 -11.44 -10.71
C ALA A 246 6.09 -10.25 -11.41
N ARG A 247 6.17 -9.07 -10.80
CA ARG A 247 5.62 -7.86 -11.44
C ARG A 247 6.64 -6.72 -11.54
N ASN A 248 7.06 -6.16 -10.40
CA ASN A 248 7.92 -5.00 -10.43
C ASN A 248 9.16 -5.26 -11.25
N LEU A 249 9.80 -6.40 -11.00
CA LEU A 249 11.00 -6.75 -11.77
C LEU A 249 10.77 -7.48 -13.12
N ALA A 250 9.59 -8.11 -13.27
CA ALA A 250 9.27 -8.98 -14.41
C ALA A 250 8.48 -8.34 -15.53
N ASP A 251 7.50 -7.47 -15.21
CA ASP A 251 6.57 -6.97 -16.24
C ASP A 251 7.31 -6.24 -17.33
N GLU A 252 6.86 -6.40 -18.58
CA GLU A 252 7.52 -5.73 -19.72
C GLU A 252 7.53 -4.21 -19.60
N LYS A 253 6.46 -3.68 -18.99
CA LYS A 253 6.30 -2.26 -18.74
C LYS A 253 6.92 -1.78 -17.39
N ARG A 254 7.54 -2.69 -16.66
CA ARG A 254 8.30 -2.31 -15.47
C ARG A 254 9.78 -2.59 -15.75
N TYR A 255 10.44 -3.36 -14.91
CA TYR A 255 11.88 -3.51 -15.10
C TYR A 255 12.26 -4.55 -16.18
N ASP A 256 11.30 -5.39 -16.58
CA ASP A 256 11.46 -6.25 -17.76
C ASP A 256 12.76 -7.10 -17.73
N LYS A 257 13.00 -7.80 -16.64
CA LYS A 257 14.27 -8.50 -16.42
C LYS A 257 14.27 -9.98 -16.80
N LEU A 258 13.19 -10.48 -17.39
CA LEU A 258 13.22 -11.95 -17.55
C LEU A 258 14.32 -12.48 -18.51
N LYS A 259 14.56 -11.81 -19.63
CA LYS A 259 15.61 -12.26 -20.57
C LYS A 259 16.94 -12.29 -19.83
N LYS A 260 17.19 -11.22 -19.07
CA LYS A 260 18.41 -11.14 -18.29
C LYS A 260 18.46 -12.22 -17.22
N VAL A 261 17.32 -12.55 -16.61
CA VAL A 261 17.36 -13.63 -15.63
C VAL A 261 17.70 -14.97 -16.30
N ALA A 262 17.15 -15.18 -17.49
CA ALA A 262 17.33 -16.45 -18.22
C ALA A 262 18.80 -16.66 -18.56
N SER A 263 19.44 -15.57 -18.96
CA SER A 263 20.84 -15.67 -19.29
C SER A 263 21.67 -16.04 -18.06
N VAL A 264 21.52 -15.33 -16.94
CA VAL A 264 22.33 -15.68 -15.76
C VAL A 264 22.02 -17.04 -15.16
N ILE A 265 20.82 -17.57 -15.37
CA ILE A 265 20.56 -18.90 -14.81
C ILE A 265 20.95 -19.95 -15.84
N GLY A 266 21.43 -19.48 -16.98
CA GLY A 266 22.02 -20.36 -17.98
C GLY A 266 21.05 -21.21 -18.75
N ILE A 267 19.86 -20.68 -19.04
CA ILE A 267 18.96 -21.35 -19.97
C ILE A 267 18.76 -20.46 -21.19
N ALA A 268 18.35 -21.06 -22.31
CA ALA A 268 18.11 -20.30 -23.55
C ALA A 268 16.80 -19.55 -23.42
N ALA A 269 16.67 -18.41 -24.09
CA ALA A 269 15.40 -17.68 -24.12
C ALA A 269 14.89 -17.57 -25.57
N ASP A 270 14.86 -18.71 -26.26
CA ASP A 270 14.62 -18.75 -27.70
C ASP A 270 13.25 -19.38 -28.04
N TYR A 271 12.79 -20.34 -27.24
CA TYR A 271 11.55 -21.06 -27.62
C TYR A 271 10.45 -21.01 -26.56
N ASN A 272 9.22 -20.70 -26.96
CA ASN A 272 8.12 -20.66 -25.98
C ASN A 272 7.99 -22.04 -25.25
N THR A 273 8.08 -23.13 -26.03
CA THR A 273 7.88 -24.47 -25.49
C THR A 273 8.90 -24.88 -24.42
N ASP A 274 10.00 -24.14 -24.32
CA ASP A 274 10.94 -24.32 -23.23
C ASP A 274 10.42 -23.73 -21.90
N LEU A 275 9.39 -22.91 -21.94
CA LEU A 275 8.89 -22.29 -20.70
C LEU A 275 9.99 -21.53 -19.97
N TRP A 276 10.88 -20.89 -20.73
CA TRP A 276 11.98 -20.16 -20.11
C TRP A 276 11.48 -18.95 -19.31
N LYS A 277 10.40 -18.30 -19.74
CA LYS A 277 9.87 -17.23 -18.89
C LYS A 277 9.44 -17.78 -17.55
N ASP A 278 8.76 -18.92 -17.60
CA ASP A 278 8.25 -19.52 -16.38
C ASP A 278 9.40 -19.91 -15.45
N GLN A 279 10.43 -20.56 -16.00
CA GLN A 279 11.58 -21.00 -15.19
C GLN A 279 12.30 -19.78 -14.61
N ALA A 280 12.40 -18.71 -15.40
CA ALA A 280 13.02 -17.45 -14.98
C ALA A 280 12.23 -16.80 -13.83
N LEU A 281 10.91 -16.75 -14.00
CA LEU A 281 10.01 -16.24 -12.96
C LEU A 281 10.23 -16.98 -11.63
N VAL A 282 10.28 -18.30 -11.68
CA VAL A 282 10.43 -19.07 -10.46
C VAL A 282 11.77 -18.78 -9.83
N GLU A 283 12.83 -18.68 -10.62
CA GLU A 283 14.14 -18.43 -9.98
C GLU A 283 14.27 -17.00 -9.46
N LEU A 284 13.76 -16.02 -10.23
CA LEU A 284 13.77 -14.62 -9.75
C LEU A 284 13.02 -14.55 -8.43
N ASN A 285 11.89 -15.24 -8.37
CA ASN A 285 11.06 -15.22 -7.14
C ASN A 285 11.68 -15.92 -5.94
N LYS A 286 12.44 -16.99 -6.20
CA LYS A 286 13.18 -17.66 -5.13
C LYS A 286 14.22 -16.68 -4.64
N ALA A 287 14.77 -15.89 -5.57
CA ALA A 287 15.91 -15.04 -5.22
C ALA A 287 15.42 -13.91 -4.33
N VAL A 288 14.27 -13.33 -4.71
CA VAL A 288 13.69 -12.27 -3.90
C VAL A 288 13.42 -12.70 -2.45
N LEU A 289 12.84 -13.90 -2.25
CA LEU A 289 12.53 -14.39 -0.88
C LEU A 289 13.81 -14.64 -0.15
N HIS A 290 14.73 -15.30 -0.84
CA HIS A 290 16.03 -15.60 -0.21
C HIS A 290 16.71 -14.29 0.26
N SER A 291 16.65 -13.27 -0.59
CA SER A 291 17.39 -12.02 -0.28
C SER A 291 16.79 -11.29 0.90
N TYR A 292 15.47 -11.07 0.87
CA TYR A 292 14.79 -10.45 2.01
C TYR A 292 15.02 -11.22 3.31
N LYS A 293 14.82 -12.54 3.31
CA LYS A 293 14.97 -13.31 4.53
C LYS A 293 16.41 -13.18 5.06
N LYS A 294 17.37 -13.21 4.15
CA LYS A 294 18.78 -13.19 4.51
C LYS A 294 19.21 -11.86 5.14
N GLN A 295 18.57 -10.79 4.69
CA GLN A 295 18.84 -9.50 5.25
C GLN A 295 18.01 -9.22 6.52
N GLY A 296 17.11 -10.13 6.89
CA GLY A 296 16.25 -9.90 8.05
C GLY A 296 15.20 -8.83 7.79
N VAL A 297 14.67 -8.78 6.58
CA VAL A 297 13.58 -7.90 6.25
C VAL A 297 12.33 -8.76 5.95
N SER A 298 11.24 -8.45 6.64
CA SER A 298 10.00 -9.22 6.51
C SER A 298 9.54 -9.34 5.08
N ILE A 299 8.99 -10.50 4.73
CA ILE A 299 8.41 -10.75 3.42
C ILE A 299 7.62 -12.05 3.62
N VAL A 300 6.63 -12.32 2.78
CA VAL A 300 5.89 -13.60 2.84
C VAL A 300 5.83 -14.15 1.42
N ASP A 301 5.88 -15.47 1.30
CA ASP A 301 5.71 -16.10 0.00
C ASP A 301 4.22 -16.27 -0.28
N HIS A 302 3.86 -16.52 -1.54
CA HIS A 302 2.43 -16.55 -1.90
C HIS A 302 1.70 -17.77 -1.34
N HIS A 303 2.40 -18.85 -1.04
CA HIS A 303 1.73 -20.01 -0.42
C HIS A 303 1.33 -19.75 1.01
N THR A 304 2.28 -19.25 1.81
CA THR A 304 2.03 -18.93 3.20
C THR A 304 0.93 -17.87 3.29
N ALA A 305 1.04 -16.86 2.45
CA ALA A 305 0.02 -15.81 2.35
C ALA A 305 -1.37 -16.37 2.14
N ALA A 306 -1.49 -17.28 1.17
CA ALA A 306 -2.78 -17.92 0.88
C ALA A 306 -3.28 -18.78 2.01
N SER A 307 -2.35 -19.44 2.73
CA SER A 307 -2.74 -20.19 3.94
C SER A 307 -3.27 -19.25 5.00
N GLN A 308 -2.61 -18.11 5.15
CA GLN A 308 -3.09 -17.10 6.08
C GLN A 308 -4.48 -16.62 5.67
N PHE A 309 -4.66 -16.34 4.39
CA PHE A 309 -5.95 -15.81 3.93
C PHE A 309 -7.08 -16.81 4.16
N LYS A 310 -6.76 -18.09 4.00
CA LYS A 310 -7.72 -19.17 4.35
C LYS A 310 -8.15 -19.03 5.80
N ARG A 311 -7.24 -18.68 6.69
CA ARG A 311 -7.63 -18.54 8.09
C ARG A 311 -8.46 -17.28 8.24
N PHE A 312 -8.12 -16.25 7.48
CA PHE A 312 -8.97 -15.06 7.51
C PHE A 312 -10.40 -15.43 7.11
N GLU A 313 -10.56 -16.24 6.06
CA GLU A 313 -11.87 -16.70 5.62
C GLU A 313 -12.58 -17.43 6.74
N GLU A 314 -11.88 -18.40 7.35
CA GLU A 314 -12.44 -19.17 8.50
C GLU A 314 -12.81 -18.21 9.63
N GLN A 315 -11.93 -17.27 9.93
CA GLN A 315 -12.19 -16.37 11.02
C GLN A 315 -13.43 -15.49 10.73
N ALA A 316 -13.58 -14.99 9.49
CA ALA A 316 -14.78 -14.24 9.10
C ALA A 316 -16.04 -15.04 9.40
N GLU A 317 -16.06 -16.28 8.95
CA GLU A 317 -17.21 -17.15 9.18
C GLU A 317 -17.60 -17.30 10.65
N GLU A 318 -16.60 -17.61 11.49
CA GLU A 318 -16.82 -17.77 12.93
C GLU A 318 -17.37 -16.50 13.56
N ALA A 319 -16.96 -15.34 13.05
CA ALA A 319 -17.40 -14.06 13.60
C ALA A 319 -18.78 -13.62 13.06
N GLY A 320 -19.40 -14.43 12.20
CA GLY A 320 -20.65 -14.04 11.59
C GLY A 320 -20.56 -12.98 10.48
N ARG A 321 -19.35 -12.58 10.08
CA ARG A 321 -19.20 -11.56 9.04
C ARG A 321 -19.14 -12.17 7.64
N LYS A 322 -19.86 -11.55 6.72
CA LYS A 322 -19.72 -11.94 5.32
C LYS A 322 -18.28 -11.69 4.86
N LEU A 323 -17.76 -12.59 4.04
CA LEU A 323 -16.45 -12.38 3.42
C LEU A 323 -16.62 -11.72 2.03
N THR A 324 -15.93 -10.62 1.77
CA THR A 324 -15.87 -10.15 0.39
C THR A 324 -14.43 -10.22 -0.19
N GLY A 325 -14.33 -10.37 -1.52
CA GLY A 325 -13.04 -10.59 -2.18
C GLY A 325 -13.07 -10.37 -3.68
N ASP A 326 -11.92 -10.02 -4.25
CA ASP A 326 -11.73 -9.86 -5.69
C ASP A 326 -10.77 -10.94 -6.15
N TRP A 327 -11.33 -12.01 -6.68
CA TRP A 327 -10.56 -13.19 -7.10
C TRP A 327 -9.43 -12.81 -8.04
N THR A 328 -9.69 -11.83 -8.92
CA THR A 328 -8.72 -11.48 -9.96
C THR A 328 -7.52 -10.81 -9.37
N TRP A 329 -7.65 -10.27 -8.16
CA TRP A 329 -6.47 -9.72 -7.46
C TRP A 329 -6.00 -10.62 -6.34
N LEU A 330 -6.89 -11.46 -5.81
CA LEU A 330 -6.45 -12.35 -4.74
C LEU A 330 -5.54 -13.48 -5.23
N ILE A 331 -5.78 -14.04 -6.43
CA ILE A 331 -4.85 -15.10 -6.89
C ILE A 331 -3.43 -14.53 -7.12
N PRO A 332 -2.38 -15.27 -6.72
CA PRO A 332 -1.00 -14.76 -6.98
C PRO A 332 -0.63 -14.89 -8.46
N PRO A 333 0.36 -14.12 -8.95
CA PRO A 333 0.61 -14.25 -10.41
C PRO A 333 1.58 -15.37 -10.76
N ILE A 334 2.02 -16.14 -9.77
CA ILE A 334 2.69 -17.39 -10.17
C ILE A 334 2.07 -18.58 -9.42
N SER A 335 1.98 -19.70 -10.11
CA SER A 335 1.27 -20.89 -9.60
C SER A 335 -0.05 -20.61 -8.92
N PRO A 336 -0.91 -19.77 -9.50
CA PRO A 336 -2.15 -19.49 -8.79
C PRO A 336 -2.96 -20.72 -8.48
N ALA A 337 -3.03 -21.69 -9.38
CA ALA A 337 -3.85 -22.86 -9.10
C ALA A 337 -3.30 -23.76 -7.97
N ALA A 338 -2.13 -23.41 -7.43
CA ALA A 338 -1.61 -24.20 -6.29
C ALA A 338 -2.13 -23.63 -4.99
N THR A 339 -2.93 -22.55 -5.05
CA THR A 339 -3.53 -21.99 -3.83
C THR A 339 -5.00 -22.32 -3.82
N HIS A 340 -5.63 -22.36 -2.62
CA HIS A 340 -7.07 -22.62 -2.50
C HIS A 340 -7.88 -21.49 -3.12
N ILE A 341 -7.28 -20.30 -3.14
CA ILE A 341 -7.96 -19.13 -3.66
C ILE A 341 -8.47 -19.36 -5.08
N PHE A 342 -7.59 -19.91 -5.94
CA PHE A 342 -7.95 -20.14 -7.35
C PHE A 342 -9.20 -20.99 -7.48
N HIS A 343 -9.42 -21.89 -6.51
CA HIS A 343 -10.46 -22.91 -6.66
C HIS A 343 -11.79 -22.58 -6.01
N ARG A 344 -11.91 -21.35 -5.49
CA ARG A 344 -13.22 -20.91 -5.04
C ARG A 344 -13.54 -19.53 -5.61
N SER A 345 -14.78 -19.09 -5.38
CA SER A 345 -15.25 -17.79 -5.82
C SER A 345 -15.38 -16.84 -4.65
N TYR A 346 -15.44 -15.53 -4.93
CA TYR A 346 -15.53 -14.54 -3.87
C TYR A 346 -16.47 -13.46 -4.33
N ASP A 347 -17.24 -12.95 -3.39
CA ASP A 347 -18.19 -11.88 -3.64
C ASP A 347 -17.44 -10.55 -3.59
N ASN A 348 -17.54 -9.78 -4.67
CA ASN A 348 -16.72 -8.58 -4.79
C ASN A 348 -17.47 -7.32 -4.37
N SER A 349 -18.46 -7.43 -3.49
CA SER A 349 -19.15 -6.21 -3.06
C SER A 349 -18.25 -5.28 -2.25
N ILE A 350 -18.48 -3.98 -2.37
CA ILE A 350 -17.72 -3.00 -1.60
C ILE A 350 -18.45 -2.71 -0.28
N VAL A 351 -17.76 -2.96 0.84
CA VAL A 351 -18.29 -2.69 2.19
C VAL A 351 -17.42 -1.58 2.78
N LYS A 352 -18.06 -0.61 3.43
CA LYS A 352 -17.34 0.46 4.10
C LYS A 352 -17.28 0.21 5.62
N PRO A 353 -16.21 0.69 6.31
CA PRO A 353 -15.05 1.48 5.86
C PRO A 353 -14.15 0.77 4.87
N ASN A 354 -13.30 1.53 4.17
CA ASN A 354 -12.52 0.96 3.08
C ASN A 354 -11.51 1.99 2.53
N TYR A 355 -10.60 1.51 1.69
CA TYR A 355 -9.59 2.34 1.02
C TYR A 355 -10.02 2.46 -0.44
N PHE A 356 -9.95 3.68 -0.98
CA PHE A 356 -10.37 3.94 -2.36
C PHE A 356 -9.30 4.64 -3.20
N TYR A 357 -9.37 4.44 -4.51
CA TYR A 357 -8.61 5.21 -5.49
C TYR A 357 -9.10 6.65 -5.45
N GLN A 358 -8.20 7.59 -5.75
CA GLN A 358 -8.56 8.99 -5.99
C GLN A 358 -7.73 9.46 -7.17
N ASP A 359 -8.18 10.55 -7.80
CA ASP A 359 -7.49 11.13 -8.96
C ASP A 359 -6.09 11.64 -8.62
N LYS A 360 -5.11 11.30 -9.45
CA LYS A 360 -3.79 11.89 -9.31
C LYS A 360 -3.87 13.40 -9.59
N PRO A 361 -3.07 14.21 -8.87
CA PRO A 361 -3.02 15.65 -9.17
C PRO A 361 -1.95 16.05 -10.20
N TYR A 362 -1.03 15.14 -10.54
CA TYR A 362 -0.18 15.28 -11.72
C TYR A 362 -0.85 14.48 -12.86
N GLU A 363 -0.36 14.58 -14.09
CA GLU A 363 -1.02 13.94 -15.25
C GLU A 363 -2.56 14.24 -15.46
#